data_6N0P
#
_entry.id   6N0P
#
_cell.length_a   93.130
_cell.length_b   93.130
_cell.length_c   166.690
_cell.angle_alpha   90.000
_cell.angle_beta   90.000
_cell.angle_gamma   90.000
#
_symmetry.space_group_name_H-M   'P 41 21 2'
#
loop_
_entity.id
_entity.type
_entity.pdbx_description
1 polymer 'Serine/threonine-protein kinase B-raf'
2 non-polymer N-{3-[2-(2-hydroxyethoxy)-6-(morpholin-4-yl)pyridin-4-yl]-4-methylphenyl}-2-(trifluoromethyl)pyridine-4-carboxamide
3 water water
#
_entity_poly.entity_id   1
_entity_poly.type   'polypeptide(L)'
_entity_poly.pdbx_seq_one_letter_code
;DWEIPDGQITVGQRIGSGSFGTVYKGKWHGDVAVKMLNVTAPTPQQLQAFKNEVGVLRKTRHVNILLFMGYSTKPQLAIV
TQWCEGSSLYHHLHIIETKFEMIKLIDIARQTAQGMDYLHAKSIIHRDLKSNNIFLHEDLTVKIGDFGLATVKSRWSGSH
QFEQLSGSILWMAPEVIRMQDKNPYSFQSDVYAFGIVLYELMTGQLPYSNINNRDQIIFMVGRGYLSPDLSKVRSNCPKA
MKRLMAECLKKKRDERPLFPQILASIELLARSL
;
_entity_poly.pdbx_strand_id   A,B
#
loop_
_chem_comp.id
_chem_comp.type
_chem_comp.name
_chem_comp.formula
K81 non-polymer N-{3-[2-(2-hydroxyethoxy)-6-(morpholin-4-yl)pyridin-4-yl]-4-methylphenyl}-2-(trifluoromethyl)pyridine-4-carboxamide 'C25 H25 F3 N4 O4'
#
# COMPACT_ATOMS: atom_id res chain seq x y z
N ASP A 1 -15.50 9.01 -5.02
CA ASP A 1 -14.60 9.35 -6.12
C ASP A 1 -13.18 9.66 -5.63
N TRP A 2 -12.26 9.74 -6.60
CA TRP A 2 -10.84 9.97 -6.40
C TRP A 2 -10.38 11.36 -6.79
N GLU A 3 -11.34 12.25 -7.09
CA GLU A 3 -11.04 13.62 -7.43
C GLU A 3 -10.81 14.35 -6.13
N ILE A 4 -9.58 14.86 -5.96
CA ILE A 4 -9.15 15.56 -4.77
C ILE A 4 -9.75 16.96 -4.81
N PRO A 5 -10.36 17.44 -3.69
CA PRO A 5 -10.90 18.81 -3.71
C PRO A 5 -9.80 19.84 -3.97
N ASP A 6 -10.17 20.94 -4.61
CA ASP A 6 -9.27 22.01 -5.03
C ASP A 6 -8.48 22.67 -3.90
N GLY A 7 -7.25 23.05 -4.22
CA GLY A 7 -6.34 23.72 -3.29
C GLY A 7 -5.95 22.92 -2.06
N GLN A 8 -5.79 21.59 -2.19
CA GLN A 8 -5.42 20.73 -1.07
C GLN A 8 -4.01 20.22 -1.21
N ILE A 9 -3.65 19.80 -2.43
CA ILE A 9 -2.32 19.33 -2.78
C ILE A 9 -1.35 20.51 -2.79
N THR A 10 -0.18 20.33 -2.17
CA THR A 10 0.93 21.30 -2.19
C THR A 10 2.10 20.55 -2.84
N VAL A 11 2.92 21.26 -3.59
CA VAL A 11 4.03 20.61 -4.28
C VAL A 11 5.36 21.21 -3.79
N GLY A 12 6.32 20.34 -3.51
CA GLY A 12 7.64 20.70 -3.02
C GLY A 12 8.71 20.54 -4.07
N GLN A 13 9.75 19.76 -3.77
CA GLN A 13 10.90 19.51 -4.66
C GLN A 13 10.53 18.70 -5.90
N ARG A 14 11.08 19.11 -7.07
CA ARG A 14 10.93 18.47 -8.37
C ARG A 14 11.82 17.24 -8.38
N ILE A 15 11.22 16.09 -8.57
CA ILE A 15 11.92 14.81 -8.49
C ILE A 15 12.28 14.29 -9.88
N GLY A 16 11.56 14.75 -10.89
CA GLY A 16 11.81 14.37 -12.29
C GLY A 16 10.94 15.12 -13.26
N SER A 17 11.36 15.16 -14.53
CA SER A 17 10.61 15.82 -15.62
C SER A 17 10.93 15.19 -16.95
N GLY A 18 9.98 15.28 -17.85
CA GLY A 18 10.09 14.72 -19.18
C GLY A 18 9.08 15.32 -20.11
N SER A 19 9.02 14.78 -21.33
CA SER A 19 8.13 15.22 -22.40
C SER A 19 6.67 15.05 -21.97
N PHE A 20 6.37 13.95 -21.28
CA PHE A 20 5.03 13.57 -20.83
C PHE A 20 4.75 13.75 -19.32
N GLY A 21 5.30 14.80 -18.69
CA GLY A 21 5.04 15.07 -17.28
C GLY A 21 6.23 15.40 -16.37
N THR A 22 5.90 16.06 -15.23
CA THR A 22 6.83 16.49 -14.19
C THR A 22 6.36 15.93 -12.82
N VAL A 23 7.27 15.21 -12.11
CA VAL A 23 6.97 14.62 -10.80
C VAL A 23 7.59 15.42 -9.68
N TYR A 24 6.81 15.69 -8.60
CA TYR A 24 7.24 16.41 -7.41
C TYR A 24 6.97 15.59 -6.16
N LYS A 25 7.79 15.80 -5.11
CA LYS A 25 7.49 15.25 -3.79
C LYS A 25 6.51 16.33 -3.24
N GLY A 26 5.33 15.91 -2.80
CA GLY A 26 4.32 16.84 -2.33
C GLY A 26 3.67 16.47 -1.01
N LYS A 27 2.66 17.24 -0.60
CA LYS A 27 1.90 17.03 0.63
C LYS A 27 0.40 17.06 0.36
N TRP A 28 -0.30 16.00 0.80
CA TRP A 28 -1.76 15.79 0.76
C TRP A 28 -2.03 14.57 1.64
N HIS A 29 -2.38 14.83 2.90
CA HIS A 29 -2.56 13.80 3.93
C HIS A 29 -1.21 13.06 4.15
N GLY A 30 -0.14 13.85 4.27
CA GLY A 30 1.24 13.41 4.43
C GLY A 30 2.02 13.47 3.13
N ASP A 31 3.17 12.77 3.09
CA ASP A 31 4.03 12.73 1.90
C ASP A 31 3.37 12.00 0.78
N VAL A 32 3.37 12.60 -0.41
CA VAL A 32 2.80 12.03 -1.62
C VAL A 32 3.75 12.31 -2.76
N ALA A 33 3.52 11.66 -3.92
CA ALA A 33 4.26 11.95 -5.14
C ALA A 33 3.18 12.51 -6.06
N VAL A 34 3.47 13.64 -6.72
CA VAL A 34 2.49 14.29 -7.60
C VAL A 34 3.02 14.40 -9.03
N LYS A 35 2.28 13.89 -10.02
CA LYS A 35 2.70 14.00 -11.42
C LYS A 35 1.83 15.01 -12.16
N MET A 36 2.43 16.15 -12.59
CA MET A 36 1.77 17.21 -13.38
C MET A 36 1.96 16.89 -14.84
N LEU A 37 0.88 16.43 -15.47
CA LEU A 37 0.84 15.97 -16.84
C LEU A 37 0.91 17.07 -17.86
N ASN A 38 0.45 18.27 -17.47
CA ASN A 38 0.49 19.46 -18.30
C ASN A 38 1.12 20.64 -17.53
N VAL A 39 1.41 21.75 -18.24
CA VAL A 39 1.93 22.99 -17.70
C VAL A 39 0.98 24.10 -18.14
N THR A 40 0.88 24.34 -19.48
CA THR A 40 -0.08 25.28 -20.09
C THR A 40 -1.43 24.53 -20.25
N ALA A 41 -2.47 25.15 -20.83
CA ALA A 41 -3.77 24.50 -21.05
C ALA A 41 -3.57 23.12 -21.75
N PRO A 42 -4.17 22.01 -21.26
CA PRO A 42 -3.88 20.72 -21.91
C PRO A 42 -4.50 20.51 -23.28
N THR A 43 -3.79 19.75 -24.12
CA THR A 43 -4.21 19.37 -25.48
C THR A 43 -5.26 18.24 -25.35
N PRO A 44 -6.05 17.86 -26.39
CA PRO A 44 -7.02 16.77 -26.21
C PRO A 44 -6.36 15.42 -25.98
N GLN A 45 -5.12 15.26 -26.47
CA GLN A 45 -4.25 14.09 -26.34
C GLN A 45 -3.88 13.93 -24.87
N GLN A 46 -3.41 15.02 -24.24
CA GLN A 46 -3.01 15.04 -22.82
C GLN A 46 -4.16 14.70 -21.92
N LEU A 47 -5.34 15.32 -22.16
CA LEU A 47 -6.55 15.05 -21.39
C LEU A 47 -6.96 13.56 -21.50
N GLN A 48 -6.86 12.98 -22.71
CA GLN A 48 -7.19 11.59 -22.97
C GLN A 48 -6.18 10.63 -22.29
N ALA A 49 -4.86 10.89 -22.44
CA ALA A 49 -3.81 10.07 -21.81
C ALA A 49 -3.93 10.14 -20.27
N PHE A 50 -4.39 11.29 -19.72
CA PHE A 50 -4.68 11.52 -18.29
C PHE A 50 -5.85 10.64 -17.86
N LYS A 51 -6.99 10.71 -18.59
CA LYS A 51 -8.18 9.92 -18.32
C LYS A 51 -7.90 8.41 -18.35
N ASN A 52 -7.03 7.97 -19.27
N ASN A 52 -7.03 7.95 -19.27
CA ASN A 52 -6.62 6.57 -19.44
CA ASN A 52 -6.65 6.53 -19.39
C ASN A 52 -5.70 6.09 -18.31
C ASN A 52 -5.73 6.09 -18.23
N GLU A 53 -4.73 6.92 -17.89
CA GLU A 53 -3.80 6.60 -16.80
C GLU A 53 -4.55 6.51 -15.47
N VAL A 54 -5.49 7.44 -15.23
CA VAL A 54 -6.34 7.47 -14.03
C VAL A 54 -7.28 6.27 -14.03
N GLY A 55 -7.77 5.88 -15.22
CA GLY A 55 -8.65 4.74 -15.41
C GLY A 55 -7.96 3.44 -15.06
N VAL A 56 -6.67 3.34 -15.39
CA VAL A 56 -5.84 2.16 -15.11
C VAL A 56 -5.54 2.08 -13.59
N LEU A 57 -4.98 3.16 -13.03
CA LEU A 57 -4.59 3.25 -11.64
C LEU A 57 -5.73 3.05 -10.65
N ARG A 58 -6.92 3.61 -10.93
CA ARG A 58 -8.08 3.49 -10.02
C ARG A 58 -8.59 2.04 -9.86
N LYS A 59 -8.18 1.14 -10.76
CA LYS A 59 -8.53 -0.29 -10.74
C LYS A 59 -7.53 -1.10 -9.90
N THR A 60 -6.43 -0.47 -9.40
CA THR A 60 -5.38 -1.18 -8.65
C THR A 60 -5.42 -0.95 -7.14
N ARG A 61 -5.46 -2.06 -6.38
CA ARG A 61 -5.46 -2.10 -4.91
C ARG A 61 -4.67 -3.35 -4.52
N HIS A 62 -3.34 -3.25 -4.56
CA HIS A 62 -2.46 -4.37 -4.26
C HIS A 62 -1.16 -3.82 -3.69
N VAL A 63 -0.59 -4.52 -2.69
CA VAL A 63 0.66 -4.09 -2.01
C VAL A 63 1.88 -3.98 -2.93
N ASN A 64 1.88 -4.71 -4.07
CA ASN A 64 3.04 -4.67 -4.96
C ASN A 64 2.82 -3.72 -6.12
N ILE A 65 1.73 -2.95 -6.06
CA ILE A 65 1.43 -1.91 -7.03
C ILE A 65 1.46 -0.60 -6.29
N LEU A 66 2.07 0.42 -6.93
CA LEU A 66 2.14 1.78 -6.42
C LEU A 66 0.74 2.22 -6.05
N LEU A 67 0.57 2.74 -4.82
CA LEU A 67 -0.74 3.18 -4.39
C LEU A 67 -1.22 4.46 -5.06
N PHE A 68 -2.25 4.34 -5.92
CA PHE A 68 -2.90 5.50 -6.50
C PHE A 68 -3.74 6.10 -5.36
N MET A 69 -3.65 7.42 -5.16
CA MET A 69 -4.38 8.09 -4.08
C MET A 69 -5.50 9.01 -4.56
N GLY A 70 -5.31 9.60 -5.73
CA GLY A 70 -6.30 10.51 -6.30
C GLY A 70 -5.80 11.33 -7.47
N TYR A 71 -6.67 12.22 -7.95
CA TYR A 71 -6.32 13.09 -9.06
C TYR A 71 -6.95 14.46 -8.91
N SER A 72 -6.38 15.43 -9.62
CA SER A 72 -6.87 16.80 -9.66
C SER A 72 -6.83 17.26 -11.11
N THR A 73 -7.71 18.20 -11.47
CA THR A 73 -7.80 18.78 -12.81
C THR A 73 -7.56 20.30 -12.72
N LYS A 74 -7.66 20.86 -11.50
CA LYS A 74 -7.51 22.28 -11.18
C LYS A 74 -6.36 22.47 -10.14
N PRO A 75 -5.31 23.26 -10.46
CA PRO A 75 -5.10 24.10 -11.66
C PRO A 75 -4.45 23.38 -12.84
N GLN A 76 -3.87 22.21 -12.60
CA GLN A 76 -3.24 21.40 -13.65
C GLN A 76 -3.74 19.98 -13.46
N LEU A 77 -3.59 19.14 -14.50
CA LEU A 77 -3.93 17.74 -14.46
C LEU A 77 -2.85 17.03 -13.61
N ALA A 78 -3.26 16.50 -12.44
CA ALA A 78 -2.33 15.87 -11.48
C ALA A 78 -2.78 14.51 -11.04
N ILE A 79 -1.80 13.60 -10.90
CA ILE A 79 -2.01 12.26 -10.36
C ILE A 79 -1.18 12.18 -9.09
N VAL A 80 -1.86 11.82 -7.98
CA VAL A 80 -1.27 11.70 -6.65
C VAL A 80 -1.16 10.23 -6.27
N THR A 81 0.04 9.84 -5.88
CA THR A 81 0.28 8.48 -5.46
C THR A 81 0.97 8.54 -4.12
N GLN A 82 1.17 7.40 -3.47
CA GLN A 82 1.93 7.34 -2.22
C GLN A 82 3.39 7.80 -2.50
N TRP A 83 4.07 8.28 -1.46
CA TRP A 83 5.46 8.63 -1.56
C TRP A 83 6.21 7.46 -0.94
N CYS A 84 7.26 6.96 -1.61
CA CYS A 84 8.07 5.85 -1.10
C CYS A 84 9.50 6.23 -0.84
N GLU A 85 9.97 5.97 0.36
CA GLU A 85 11.38 6.11 0.68
C GLU A 85 12.01 4.82 0.13
N GLY A 86 13.23 4.93 -0.38
CA GLY A 86 13.95 3.84 -1.03
C GLY A 86 14.42 4.26 -2.40
N SER A 87 14.69 3.27 -3.24
CA SER A 87 15.19 3.43 -4.62
C SER A 87 14.59 2.36 -5.49
N SER A 88 14.64 2.56 -6.82
CA SER A 88 14.18 1.54 -7.78
C SER A 88 15.18 0.35 -7.79
N LEU A 89 14.80 -0.76 -8.42
CA LEU A 89 15.65 -1.91 -8.57
C LEU A 89 16.88 -1.57 -9.45
N TYR A 90 16.67 -0.74 -10.49
CA TYR A 90 17.70 -0.26 -11.40
C TYR A 90 18.80 0.45 -10.64
N HIS A 91 18.42 1.42 -9.78
CA HIS A 91 19.33 2.19 -8.94
C HIS A 91 20.20 1.27 -8.09
N HIS A 92 19.56 0.31 -7.39
CA HIS A 92 20.19 -0.69 -6.56
C HIS A 92 21.16 -1.57 -7.33
N LEU A 93 20.74 -2.12 -8.47
CA LEU A 93 21.59 -3.03 -9.24
C LEU A 93 22.71 -2.36 -10.07
N HIS A 94 22.39 -1.24 -10.74
CA HIS A 94 23.28 -0.62 -11.72
C HIS A 94 23.90 0.70 -11.33
N ILE A 95 23.42 1.36 -10.27
CA ILE A 95 24.00 2.66 -9.89
C ILE A 95 24.80 2.51 -8.61
N ILE A 96 24.14 2.18 -7.48
CA ILE A 96 24.82 2.04 -6.20
C ILE A 96 25.35 0.60 -5.98
N GLU A 97 25.04 -0.31 -6.92
CA GLU A 97 25.51 -1.71 -6.96
C GLU A 97 25.36 -2.48 -5.65
N THR A 98 24.13 -2.46 -5.09
CA THR A 98 23.74 -3.19 -3.89
C THR A 98 23.90 -4.68 -4.17
N LYS A 99 24.63 -5.37 -3.29
CA LYS A 99 24.82 -6.80 -3.42
C LYS A 99 23.77 -7.45 -2.48
N PHE A 100 22.59 -7.79 -3.02
CA PHE A 100 21.53 -8.47 -2.26
C PHE A 100 21.88 -9.95 -2.21
N GLU A 101 21.50 -10.61 -1.09
CA GLU A 101 21.64 -12.05 -0.92
C GLU A 101 20.65 -12.71 -1.88
N MET A 102 20.96 -13.94 -2.31
CA MET A 102 20.13 -14.74 -3.23
C MET A 102 18.68 -14.84 -2.77
N ILE A 103 18.45 -15.00 -1.45
CA ILE A 103 17.11 -15.08 -0.85
C ILE A 103 16.31 -13.81 -1.10
N LYS A 104 16.97 -12.63 -1.06
CA LYS A 104 16.34 -11.34 -1.29
C LYS A 104 16.04 -11.14 -2.78
N LEU A 105 16.98 -11.57 -3.67
CA LEU A 105 16.80 -11.49 -5.12
C LEU A 105 15.56 -12.31 -5.55
N ILE A 106 15.42 -13.52 -5.00
CA ILE A 106 14.29 -14.41 -5.23
C ILE A 106 12.99 -13.76 -4.70
N ASP A 107 13.05 -13.08 -3.53
CA ASP A 107 11.89 -12.38 -2.97
C ASP A 107 11.44 -11.17 -3.81
N ILE A 108 12.41 -10.41 -4.39
CA ILE A 108 12.13 -9.28 -5.26
C ILE A 108 11.44 -9.81 -6.52
N ALA A 109 11.94 -10.93 -7.04
CA ALA A 109 11.38 -11.64 -8.21
C ALA A 109 9.93 -12.09 -7.92
N ARG A 110 9.69 -12.65 -6.73
CA ARG A 110 8.38 -13.14 -6.30
C ARG A 110 7.41 -11.99 -6.18
N GLN A 111 7.82 -10.90 -5.51
CA GLN A 111 6.98 -9.71 -5.33
C GLN A 111 6.66 -9.02 -6.66
N THR A 112 7.59 -9.07 -7.63
CA THR A 112 7.35 -8.48 -8.94
C THR A 112 6.32 -9.35 -9.67
N ALA A 113 6.49 -10.70 -9.66
CA ALA A 113 5.56 -11.64 -10.28
C ALA A 113 4.15 -11.52 -9.63
N GLN A 114 4.11 -11.24 -8.31
CA GLN A 114 2.89 -11.03 -7.52
C GLN A 114 2.09 -9.80 -8.04
N GLY A 115 2.76 -8.65 -8.20
CA GLY A 115 2.17 -7.43 -8.74
C GLY A 115 1.77 -7.56 -10.20
N MET A 116 2.59 -8.26 -11.00
CA MET A 116 2.34 -8.48 -12.43
C MET A 116 1.15 -9.38 -12.67
N ASP A 117 1.01 -10.45 -11.86
CA ASP A 117 -0.11 -11.38 -11.89
C ASP A 117 -1.42 -10.61 -11.62
N TYR A 118 -1.37 -9.64 -10.68
CA TYR A 118 -2.50 -8.82 -10.31
C TYR A 118 -2.97 -7.98 -11.49
N LEU A 119 -2.05 -7.19 -12.07
CA LEU A 119 -2.28 -6.33 -13.24
C LEU A 119 -2.88 -7.12 -14.38
N HIS A 120 -2.31 -8.30 -14.70
CA HIS A 120 -2.81 -9.16 -15.77
C HIS A 120 -4.21 -9.68 -15.51
N ALA A 121 -4.52 -10.00 -14.23
CA ALA A 121 -5.87 -10.45 -13.87
C ALA A 121 -6.90 -9.32 -14.06
N LYS A 122 -6.47 -8.05 -13.94
CA LYS A 122 -7.29 -6.84 -14.13
C LYS A 122 -7.26 -6.36 -15.60
N SER A 123 -6.62 -7.18 -16.50
CA SER A 123 -6.45 -6.94 -17.93
C SER A 123 -5.59 -5.71 -18.23
N ILE A 124 -4.62 -5.43 -17.34
CA ILE A 124 -3.70 -4.32 -17.48
C ILE A 124 -2.36 -4.88 -17.98
N ILE A 125 -1.97 -4.49 -19.21
CA ILE A 125 -0.68 -4.85 -19.77
C ILE A 125 0.21 -3.66 -19.39
N HIS A 126 1.32 -3.89 -18.66
CA HIS A 126 2.22 -2.80 -18.23
C HIS A 126 2.80 -2.03 -19.42
N ARG A 127 3.40 -2.78 -20.39
CA ARG A 127 4.02 -2.29 -21.63
C ARG A 127 5.41 -1.69 -21.42
N ASP A 128 5.83 -1.45 -20.16
CA ASP A 128 7.15 -0.89 -19.91
C ASP A 128 7.75 -1.42 -18.60
N LEU A 129 7.65 -2.75 -18.39
CA LEU A 129 8.22 -3.36 -17.21
C LEU A 129 9.72 -3.44 -17.40
N LYS A 130 10.46 -2.97 -16.38
CA LYS A 130 11.92 -2.89 -16.31
C LYS A 130 12.28 -2.59 -14.87
N SER A 131 13.55 -2.80 -14.49
CA SER A 131 14.01 -2.58 -13.12
C SER A 131 13.78 -1.14 -12.61
N ASN A 132 13.73 -0.14 -13.50
CA ASN A 132 13.47 1.24 -13.07
C ASN A 132 12.02 1.47 -12.58
N ASN A 133 11.10 0.61 -13.03
CA ASN A 133 9.68 0.70 -12.71
C ASN A 133 9.26 -0.27 -11.57
N ILE A 134 10.29 -0.82 -10.89
CA ILE A 134 10.13 -1.71 -9.75
C ILE A 134 10.77 -0.93 -8.61
N PHE A 135 9.95 -0.27 -7.80
CA PHE A 135 10.48 0.53 -6.71
C PHE A 135 10.64 -0.34 -5.46
N LEU A 136 11.78 -0.21 -4.77
CA LEU A 136 11.96 -0.98 -3.54
C LEU A 136 11.69 -0.05 -2.34
N HIS A 137 10.43 -0.03 -1.88
CA HIS A 137 9.89 0.74 -0.76
C HIS A 137 10.59 0.27 0.51
N GLU A 138 11.36 1.21 1.13
CA GLU A 138 12.19 1.01 2.32
C GLU A 138 13.25 -0.07 2.02
N ASP A 139 13.59 -0.20 0.71
CA ASP A 139 14.52 -1.17 0.12
C ASP A 139 14.09 -2.61 0.39
N LEU A 140 12.77 -2.84 0.64
CA LEU A 140 12.23 -4.16 0.99
C LEU A 140 11.01 -4.58 0.20
N THR A 141 10.03 -3.69 0.01
CA THR A 141 8.77 -4.01 -0.68
C THR A 141 8.74 -3.49 -2.12
N VAL A 142 8.44 -4.38 -3.06
CA VAL A 142 8.29 -4.04 -4.47
C VAL A 142 7.00 -3.27 -4.65
N LYS A 143 7.09 -2.12 -5.31
CA LYS A 143 5.97 -1.26 -5.71
C LYS A 143 6.15 -1.04 -7.20
N ILE A 144 5.38 -1.77 -8.02
CA ILE A 144 5.41 -1.59 -9.47
C ILE A 144 4.63 -0.30 -9.83
N GLY A 145 5.24 0.48 -10.71
CA GLY A 145 4.64 1.66 -11.29
C GLY A 145 5.19 1.89 -12.68
N ASP A 146 4.95 3.08 -13.20
CA ASP A 146 5.52 3.54 -14.45
C ASP A 146 6.00 4.93 -14.10
N PHE A 147 7.26 5.00 -13.68
CA PHE A 147 7.91 6.22 -13.25
C PHE A 147 8.55 7.02 -14.41
N GLY A 148 8.33 6.55 -15.63
CA GLY A 148 8.89 7.19 -16.82
C GLY A 148 8.06 8.34 -17.31
N LEU A 149 8.73 9.38 -17.81
CA LEU A 149 8.11 10.61 -18.31
C LEU A 149 8.46 10.87 -19.79
N ALA A 150 9.04 9.85 -20.46
CA ALA A 150 9.45 9.89 -21.87
C ALA A 150 8.36 9.36 -22.78
N THR A 151 7.44 8.58 -22.19
CA THR A 151 6.32 7.88 -22.84
C THR A 151 4.95 8.41 -22.42
N VAL A 152 3.94 8.23 -23.32
CA VAL A 152 2.53 8.59 -23.14
C VAL A 152 1.71 7.30 -22.78
N LYS A 153 0.52 7.46 -22.12
CA LYS A 153 -0.41 6.37 -21.78
C LYS A 153 -1.35 6.02 -22.97
N SER A 154 -1.88 4.76 -23.01
CA SER A 154 -2.77 4.13 -24.02
C SER A 154 -2.06 3.84 -25.38
N ARG A 155 -2.87 3.45 -26.43
CA ARG A 155 -2.43 3.06 -27.80
C ARG A 155 -1.45 1.86 -27.77
N TRP A 156 -0.63 1.62 -28.85
CA TRP A 156 0.38 0.53 -28.87
C TRP A 156 1.12 0.32 -30.20
N SER A 157 2.46 0.14 -30.11
CA SER A 157 3.45 -0.07 -31.18
C SER A 157 3.02 -1.04 -32.28
N GLU A 163 5.12 4.89 -34.54
CA GLU A 163 5.68 6.08 -33.91
C GLU A 163 6.91 5.73 -33.05
N GLN A 164 6.72 4.86 -32.00
CA GLN A 164 7.72 4.33 -31.05
C GLN A 164 8.62 5.42 -30.38
N LEU A 165 9.97 5.37 -30.60
CA LEU A 165 11.01 6.29 -30.08
C LEU A 165 11.11 6.36 -28.53
N SER A 166 11.72 5.30 -27.89
CA SER A 166 11.93 5.13 -26.43
C SER A 166 12.92 3.97 -25.99
N GLY A 167 14.03 4.36 -25.32
CA GLY A 167 15.07 3.50 -24.75
C GLY A 167 14.72 2.68 -23.50
N SER A 168 13.92 1.60 -23.70
CA SER A 168 13.50 0.54 -22.77
C SER A 168 13.69 -0.72 -23.63
N ILE A 169 14.52 -0.59 -24.68
CA ILE A 169 14.77 -1.60 -25.71
C ILE A 169 15.31 -2.91 -25.14
N LEU A 170 16.10 -2.86 -24.04
CA LEU A 170 16.68 -4.06 -23.41
C LEU A 170 15.64 -4.99 -22.82
N TRP A 171 14.43 -4.45 -22.48
CA TRP A 171 13.34 -5.24 -21.92
C TRP A 171 12.27 -5.62 -22.96
N MET A 172 12.49 -5.23 -24.22
CA MET A 172 11.59 -5.49 -25.35
C MET A 172 11.74 -6.86 -25.98
N ALA A 173 10.61 -7.60 -26.03
CA ALA A 173 10.50 -8.93 -26.63
C ALA A 173 10.83 -8.85 -28.14
N PRO A 174 11.32 -9.94 -28.79
CA PRO A 174 11.61 -9.83 -30.23
C PRO A 174 10.48 -9.23 -31.04
N GLU A 175 9.20 -9.58 -30.72
CA GLU A 175 8.02 -9.06 -31.41
C GLU A 175 7.71 -7.57 -31.11
N VAL A 176 8.20 -7.02 -29.97
CA VAL A 176 7.99 -5.61 -29.61
C VAL A 176 9.11 -4.75 -30.24
N ILE A 177 10.36 -5.27 -30.24
CA ILE A 177 11.55 -4.59 -30.75
C ILE A 177 11.56 -4.50 -32.27
N ARG A 178 10.78 -5.34 -32.96
CA ARG A 178 10.67 -5.33 -34.43
C ARG A 178 9.89 -4.11 -35.01
N MET A 179 9.24 -3.32 -34.12
CA MET A 179 8.50 -2.08 -34.36
C MET A 179 7.51 -2.16 -35.57
N GLN A 180 6.59 -3.14 -35.51
CA GLN A 180 5.54 -3.42 -36.49
C GLN A 180 4.30 -2.52 -36.25
N ASP A 181 3.39 -2.41 -37.24
CA ASP A 181 2.16 -1.61 -37.14
C ASP A 181 1.14 -2.26 -36.22
N LYS A 182 1.01 -3.59 -36.31
CA LYS A 182 0.10 -4.39 -35.47
C LYS A 182 0.62 -4.32 -34.04
N ASN A 183 -0.28 -4.02 -33.10
CA ASN A 183 0.01 -3.94 -31.65
C ASN A 183 0.79 -5.19 -31.17
N PRO A 184 2.06 -5.03 -30.73
CA PRO A 184 2.87 -6.20 -30.33
C PRO A 184 2.75 -6.55 -28.85
N TYR A 185 2.02 -5.72 -28.11
CA TYR A 185 1.87 -5.83 -26.67
C TYR A 185 0.88 -6.85 -26.26
N SER A 186 1.31 -7.74 -25.37
CA SER A 186 0.53 -8.84 -24.81
C SER A 186 1.01 -9.14 -23.38
N PHE A 187 0.38 -10.10 -22.71
CA PHE A 187 0.78 -10.53 -21.38
C PHE A 187 2.17 -11.15 -21.49
N GLN A 188 2.41 -11.88 -22.60
CA GLN A 188 3.67 -12.55 -22.94
C GLN A 188 4.83 -11.59 -23.20
N SER A 189 4.56 -10.37 -23.73
CA SER A 189 5.62 -9.37 -23.90
C SER A 189 6.04 -8.81 -22.54
N ASP A 190 5.10 -8.78 -21.54
CA ASP A 190 5.35 -8.36 -20.17
C ASP A 190 6.21 -9.41 -19.48
N VAL A 191 5.93 -10.70 -19.76
CA VAL A 191 6.69 -11.86 -19.25
C VAL A 191 8.16 -11.79 -19.74
N TYR A 192 8.39 -11.52 -21.04
CA TYR A 192 9.75 -11.36 -21.57
C TYR A 192 10.52 -10.30 -20.78
N ALA A 193 9.92 -9.10 -20.60
CA ALA A 193 10.46 -7.98 -19.81
C ALA A 193 10.78 -8.44 -18.38
N PHE A 194 9.92 -9.30 -17.79
CA PHE A 194 10.13 -9.88 -16.46
C PHE A 194 11.33 -10.85 -16.48
N GLY A 195 11.50 -11.58 -17.58
CA GLY A 195 12.64 -12.48 -17.80
C GLY A 195 13.95 -11.70 -17.82
N ILE A 196 13.93 -10.47 -18.41
CA ILE A 196 15.08 -9.55 -18.43
C ILE A 196 15.38 -9.04 -17.01
N VAL A 197 14.33 -8.77 -16.21
CA VAL A 197 14.45 -8.34 -14.81
C VAL A 197 15.09 -9.48 -13.99
N LEU A 198 14.73 -10.76 -14.31
CA LEU A 198 15.30 -11.94 -13.69
C LEU A 198 16.78 -12.04 -14.02
N TYR A 199 17.13 -11.72 -15.28
CA TYR A 199 18.51 -11.70 -15.73
C TYR A 199 19.29 -10.64 -14.92
N GLU A 200 18.75 -9.42 -14.78
CA GLU A 200 19.40 -8.34 -14.01
C GLU A 200 19.61 -8.76 -12.57
N LEU A 201 18.59 -9.40 -11.93
CA LEU A 201 18.69 -9.85 -10.55
C LEU A 201 19.78 -10.89 -10.36
N MET A 202 19.78 -11.93 -11.22
CA MET A 202 20.67 -13.08 -11.16
C MET A 202 22.07 -12.84 -11.72
N THR A 203 22.28 -11.82 -12.56
CA THR A 203 23.61 -11.49 -13.09
C THR A 203 24.17 -10.21 -12.43
N GLY A 204 23.28 -9.30 -12.08
CA GLY A 204 23.61 -7.98 -11.52
C GLY A 204 23.95 -7.00 -12.62
N GLN A 205 23.69 -7.41 -13.87
CA GLN A 205 24.02 -6.64 -15.05
C GLN A 205 22.86 -6.44 -15.98
N LEU A 206 23.01 -5.49 -16.90
CA LEU A 206 22.07 -5.23 -17.97
C LEU A 206 22.52 -6.16 -19.12
N PRO A 207 21.60 -6.71 -19.95
CA PRO A 207 22.06 -7.57 -21.05
C PRO A 207 22.77 -6.79 -22.15
N TYR A 208 23.57 -7.49 -22.97
CA TYR A 208 24.26 -6.98 -24.17
C TYR A 208 25.27 -5.85 -23.89
N SER A 209 25.83 -5.87 -22.68
CA SER A 209 26.79 -4.92 -22.16
C SER A 209 28.06 -4.80 -23.01
N ASN A 210 28.35 -5.83 -23.85
CA ASN A 210 29.53 -5.85 -24.71
C ASN A 210 29.26 -5.37 -26.13
N ILE A 211 28.03 -4.92 -26.40
CA ILE A 211 27.63 -4.33 -27.68
C ILE A 211 27.40 -2.82 -27.40
N ASN A 212 28.15 -1.95 -28.10
CA ASN A 212 28.03 -0.50 -27.90
C ASN A 212 27.07 0.19 -28.91
N ASN A 213 26.46 -0.59 -29.81
CA ASN A 213 25.57 -0.10 -30.85
C ASN A 213 24.11 -0.50 -30.64
N ARG A 214 23.25 0.48 -30.30
CA ARG A 214 21.81 0.35 -30.06
C ARG A 214 21.04 -0.17 -31.28
N ASP A 215 21.33 0.33 -32.50
CA ASP A 215 20.66 -0.14 -33.72
C ASP A 215 20.99 -1.62 -33.99
N GLN A 216 22.20 -2.05 -33.61
CA GLN A 216 22.59 -3.44 -33.78
C GLN A 216 21.83 -4.34 -32.80
N ILE A 217 21.63 -3.86 -31.56
CA ILE A 217 20.85 -4.59 -30.54
C ILE A 217 19.40 -4.73 -31.06
N ILE A 218 18.81 -3.62 -31.55
CA ILE A 218 17.45 -3.59 -32.08
C ILE A 218 17.31 -4.59 -33.23
N PHE A 219 18.19 -4.49 -34.24
CA PHE A 219 18.15 -5.39 -35.39
C PHE A 219 18.28 -6.87 -34.98
N MET A 220 19.30 -7.20 -34.17
CA MET A 220 19.63 -8.56 -33.79
C MET A 220 18.69 -9.26 -32.85
N VAL A 221 18.14 -8.58 -31.82
CA VAL A 221 17.16 -9.15 -30.89
C VAL A 221 15.90 -9.47 -31.69
N GLY A 222 15.48 -8.51 -32.53
CA GLY A 222 14.31 -8.62 -33.40
C GLY A 222 14.41 -9.76 -34.39
N ARG A 223 15.62 -10.04 -34.92
CA ARG A 223 15.86 -11.12 -35.87
C ARG A 223 16.17 -12.47 -35.19
N GLY A 224 16.32 -12.48 -33.86
CA GLY A 224 16.60 -13.67 -33.07
C GLY A 224 18.06 -14.11 -33.13
N TYR A 225 18.95 -13.19 -33.55
CA TYR A 225 20.39 -13.44 -33.70
C TYR A 225 21.09 -13.24 -32.37
N LEU A 226 20.48 -12.46 -31.49
CA LEU A 226 21.01 -12.10 -30.19
C LEU A 226 19.96 -12.32 -29.13
N SER A 227 20.42 -12.89 -28.00
CA SER A 227 19.59 -13.18 -26.83
C SER A 227 20.46 -13.03 -25.57
N PRO A 228 19.88 -12.82 -24.34
CA PRO A 228 20.73 -12.67 -23.15
C PRO A 228 21.61 -13.88 -22.88
N ASP A 229 22.85 -13.64 -22.45
CA ASP A 229 23.79 -14.69 -22.13
C ASP A 229 23.45 -15.26 -20.75
N LEU A 230 22.68 -16.35 -20.73
CA LEU A 230 22.23 -16.92 -19.46
C LEU A 230 23.34 -17.61 -18.64
N SER A 231 24.55 -17.79 -19.22
CA SER A 231 25.67 -18.39 -18.50
C SER A 231 26.32 -17.41 -17.51
N LYS A 232 25.88 -16.13 -17.54
CA LYS A 232 26.37 -15.05 -16.69
C LYS A 232 25.69 -15.01 -15.30
N VAL A 233 24.67 -15.87 -15.08
CA VAL A 233 23.93 -15.90 -13.81
C VAL A 233 24.85 -16.45 -12.70
N ARG A 234 24.95 -15.73 -11.56
CA ARG A 234 25.81 -16.10 -10.43
C ARG A 234 25.55 -17.55 -9.98
N SER A 235 26.61 -18.22 -9.46
CA SER A 235 26.62 -19.64 -9.13
C SER A 235 25.50 -20.09 -8.19
N ASN A 236 25.11 -19.23 -7.24
CA ASN A 236 24.08 -19.55 -6.25
C ASN A 236 22.65 -19.37 -6.77
N CYS A 237 22.49 -19.07 -8.08
CA CYS A 237 21.18 -18.96 -8.69
C CYS A 237 20.65 -20.39 -8.86
N PRO A 238 19.49 -20.73 -8.25
CA PRO A 238 18.96 -22.10 -8.38
C PRO A 238 18.65 -22.51 -9.81
N LYS A 239 18.90 -23.80 -10.17
CA LYS A 239 18.65 -24.34 -11.52
C LYS A 239 17.23 -24.05 -12.03
N ALA A 240 16.22 -24.07 -11.12
CA ALA A 240 14.83 -23.77 -11.37
C ALA A 240 14.64 -22.33 -11.81
N MET A 241 15.44 -21.39 -11.24
CA MET A 241 15.39 -19.97 -11.56
C MET A 241 15.95 -19.72 -12.95
N LYS A 242 17.09 -20.38 -13.28
CA LYS A 242 17.69 -20.29 -14.61
C LYS A 242 16.73 -20.89 -15.67
N ARG A 243 16.04 -21.99 -15.33
CA ARG A 243 15.05 -22.64 -16.20
C ARG A 243 13.86 -21.72 -16.42
N LEU A 244 13.37 -21.03 -15.34
CA LEU A 244 12.25 -20.09 -15.39
C LEU A 244 12.61 -18.90 -16.26
N MET A 245 13.80 -18.32 -16.05
CA MET A 245 14.34 -17.20 -16.83
C MET A 245 14.37 -17.53 -18.33
N ALA A 246 14.85 -18.74 -18.71
CA ALA A 246 14.89 -19.18 -20.10
C ALA A 246 13.48 -19.33 -20.71
N GLU A 247 12.50 -19.77 -19.89
CA GLU A 247 11.09 -19.93 -20.26
C GLU A 247 10.47 -18.56 -20.56
N CYS A 248 10.70 -17.55 -19.68
CA CYS A 248 10.20 -16.18 -19.83
C CYS A 248 10.79 -15.48 -21.07
N LEU A 249 12.03 -15.82 -21.44
CA LEU A 249 12.76 -15.20 -22.54
C LEU A 249 12.59 -15.89 -23.90
N LYS A 250 11.67 -16.88 -24.02
CA LYS A 250 11.38 -17.62 -25.26
C LYS A 250 11.05 -16.66 -26.40
N LYS A 251 11.66 -16.87 -27.59
CA LYS A 251 11.47 -16.04 -28.79
C LYS A 251 10.05 -16.13 -29.33
N LYS A 252 9.45 -17.34 -29.27
CA LYS A 252 8.04 -17.56 -29.64
C LYS A 252 7.22 -17.13 -28.41
N ARG A 253 6.38 -16.08 -28.55
CA ARG A 253 5.65 -15.53 -27.42
C ARG A 253 4.70 -16.50 -26.73
N ASP A 254 4.07 -17.41 -27.47
CA ASP A 254 3.11 -18.37 -26.92
C ASP A 254 3.76 -19.47 -26.08
N GLU A 255 5.09 -19.65 -26.19
CA GLU A 255 5.89 -20.60 -25.42
C GLU A 255 6.20 -20.08 -24.01
N ARG A 256 5.97 -18.77 -23.76
CA ARG A 256 6.26 -18.06 -22.49
C ARG A 256 5.21 -18.34 -21.44
N PRO A 257 5.63 -18.67 -20.18
CA PRO A 257 4.61 -18.95 -19.15
C PRO A 257 3.92 -17.68 -18.71
N LEU A 258 2.67 -17.76 -18.29
CA LEU A 258 2.01 -16.57 -17.80
C LEU A 258 2.32 -16.44 -16.30
N PHE A 259 1.97 -15.30 -15.71
CA PHE A 259 2.28 -14.99 -14.32
C PHE A 259 1.70 -15.94 -13.27
N PRO A 260 0.48 -16.58 -13.35
CA PRO A 260 0.13 -17.58 -12.32
C PRO A 260 1.13 -18.77 -12.25
N GLN A 261 1.64 -19.21 -13.43
CA GLN A 261 2.63 -20.27 -13.52
C GLN A 261 4.01 -19.80 -13.00
N ILE A 262 4.47 -18.60 -13.42
CA ILE A 262 5.74 -17.96 -13.02
C ILE A 262 5.80 -17.89 -11.50
N LEU A 263 4.73 -17.33 -10.90
CA LEU A 263 4.53 -17.12 -9.47
C LEU A 263 4.61 -18.44 -8.67
N ALA A 264 3.99 -19.52 -9.18
CA ALA A 264 4.00 -20.85 -8.58
C ALA A 264 5.42 -21.44 -8.61
N SER A 265 6.16 -21.17 -9.71
CA SER A 265 7.53 -21.65 -9.90
C SER A 265 8.49 -20.98 -8.93
N ILE A 266 8.35 -19.66 -8.71
CA ILE A 266 9.19 -18.88 -7.78
C ILE A 266 8.88 -19.26 -6.34
N GLU A 267 7.59 -19.45 -6.00
CA GLU A 267 7.14 -19.85 -4.66
C GLU A 267 7.65 -21.24 -4.26
N LEU A 268 7.78 -22.15 -5.21
CA LEU A 268 8.31 -23.50 -4.97
C LEU A 268 9.85 -23.49 -4.76
N LEU A 269 10.51 -22.64 -5.55
CA LEU A 269 11.94 -22.37 -5.60
C LEU A 269 12.40 -21.83 -4.25
N ALA A 270 11.64 -20.87 -3.73
CA ALA A 270 11.86 -20.13 -2.50
C ALA A 270 11.72 -21.02 -1.25
N ARG A 271 10.79 -21.98 -1.28
CA ARG A 271 10.56 -22.94 -0.20
C ARG A 271 11.70 -23.94 -0.11
N SER A 272 12.28 -24.29 -1.27
CA SER A 272 13.33 -25.31 -1.42
C SER A 272 14.79 -24.79 -1.26
N LEU A 273 14.98 -23.54 -0.79
CA LEU A 273 16.32 -22.97 -0.56
C LEU A 273 16.95 -23.56 0.71
N ASP B 1 -14.61 -2.15 -10.91
CA ASP B 1 -15.24 -2.53 -9.64
C ASP B 1 -14.30 -3.38 -8.78
N TRP B 2 -14.73 -3.59 -7.52
CA TRP B 2 -14.00 -4.31 -6.49
C TRP B 2 -14.56 -5.68 -6.20
N GLU B 3 -15.54 -6.12 -7.02
CA GLU B 3 -16.10 -7.44 -6.89
C GLU B 3 -15.13 -8.41 -7.53
N ILE B 4 -14.59 -9.31 -6.71
CA ILE B 4 -13.62 -10.33 -7.10
C ILE B 4 -14.37 -11.42 -7.86
N PRO B 5 -13.89 -11.85 -9.06
CA PRO B 5 -14.57 -12.93 -9.79
C PRO B 5 -14.65 -14.20 -8.94
N ASP B 6 -15.70 -14.98 -9.17
CA ASP B 6 -16.03 -16.20 -8.41
C ASP B 6 -14.94 -17.27 -8.41
N GLY B 7 -14.80 -17.92 -7.25
CA GLY B 7 -13.86 -19.00 -7.00
C GLY B 7 -12.40 -18.66 -7.19
N GLN B 8 -12.00 -17.46 -6.79
CA GLN B 8 -10.61 -17.00 -6.92
C GLN B 8 -9.90 -16.97 -5.59
N ILE B 9 -10.62 -16.50 -4.56
CA ILE B 9 -10.14 -16.43 -3.17
C ILE B 9 -10.07 -17.84 -2.62
N THR B 10 -8.97 -18.18 -1.95
CA THR B 10 -8.79 -19.45 -1.23
C THR B 10 -8.57 -19.05 0.22
N VAL B 11 -9.03 -19.86 1.14
CA VAL B 11 -8.87 -19.54 2.54
C VAL B 11 -8.03 -20.62 3.23
N GLY B 12 -7.09 -20.16 4.05
CA GLY B 12 -6.17 -21.00 4.80
C GLY B 12 -6.54 -21.06 6.28
N GLN B 13 -5.57 -20.72 7.14
CA GLN B 13 -5.74 -20.74 8.59
C GLN B 13 -6.73 -19.66 9.08
N ARG B 14 -7.62 -20.03 9.99
CA ARG B 14 -8.59 -19.16 10.64
C ARG B 14 -7.79 -18.36 11.67
N ILE B 15 -7.84 -17.04 11.57
CA ILE B 15 -7.11 -16.07 12.38
C ILE B 15 -8.00 -15.37 13.43
N GLY B 16 -9.24 -15.83 13.58
CA GLY B 16 -10.17 -15.26 14.56
C GLY B 16 -11.61 -15.41 14.15
N SER B 17 -12.47 -15.64 15.14
CA SER B 17 -13.91 -15.80 14.98
C SER B 17 -14.64 -14.99 16.03
N GLY B 18 -15.83 -14.55 15.69
CA GLY B 18 -16.72 -13.81 16.56
C GLY B 18 -18.15 -13.97 16.09
N SER B 19 -19.05 -13.17 16.68
CA SER B 19 -20.47 -13.11 16.39
C SER B 19 -20.68 -12.70 14.93
N PHE B 20 -19.89 -11.71 14.44
CA PHE B 20 -19.90 -11.30 13.04
C PHE B 20 -18.73 -11.94 12.31
N GLY B 21 -18.94 -13.18 11.88
CA GLY B 21 -17.96 -13.92 11.09
C GLY B 21 -16.54 -14.15 11.58
N THR B 22 -15.76 -14.75 10.68
CA THR B 22 -14.42 -15.26 10.83
C THR B 22 -13.42 -14.58 9.88
N VAL B 23 -12.18 -14.45 10.34
CA VAL B 23 -11.09 -13.91 9.52
C VAL B 23 -10.12 -15.04 9.28
N TYR B 24 -9.74 -15.20 8.03
CA TYR B 24 -8.77 -16.19 7.61
C TYR B 24 -7.59 -15.54 6.93
N LYS B 25 -6.40 -16.17 7.02
CA LYS B 25 -5.25 -15.76 6.22
C LYS B 25 -5.56 -16.53 4.90
N GLY B 26 -5.60 -15.81 3.80
CA GLY B 26 -5.98 -16.42 2.53
C GLY B 26 -5.04 -16.09 1.39
N LYS B 27 -5.41 -16.54 0.19
CA LYS B 27 -4.64 -16.33 -1.02
C LYS B 27 -5.55 -15.80 -2.14
N TRP B 28 -5.15 -14.66 -2.73
CA TRP B 28 -5.77 -13.97 -3.86
C TRP B 28 -4.76 -12.93 -4.30
N HIS B 29 -3.90 -13.34 -5.24
CA HIS B 29 -2.77 -12.57 -5.77
C HIS B 29 -1.78 -12.34 -4.60
N GLY B 30 -1.46 -13.44 -3.94
CA GLY B 30 -0.59 -13.46 -2.78
C GLY B 30 -1.36 -13.51 -1.49
N ASP B 31 -0.67 -13.22 -0.37
CA ASP B 31 -1.26 -13.24 0.96
C ASP B 31 -2.27 -12.14 1.12
N VAL B 32 -3.46 -12.50 1.61
CA VAL B 32 -4.54 -11.56 1.88
C VAL B 32 -5.16 -11.94 3.20
N ALA B 33 -6.02 -11.06 3.75
CA ALA B 33 -6.81 -11.38 4.94
C ALA B 33 -8.24 -11.40 4.42
N VAL B 34 -9.02 -12.44 4.78
CA VAL B 34 -10.39 -12.57 4.28
C VAL B 34 -11.38 -12.59 5.44
N LYS B 35 -12.25 -11.58 5.53
CA LYS B 35 -13.31 -11.53 6.54
C LYS B 35 -14.57 -12.08 5.91
N MET B 36 -15.05 -13.18 6.48
CA MET B 36 -16.19 -13.91 5.96
C MET B 36 -17.36 -14.12 6.87
N LEU B 37 -18.54 -14.34 6.26
CA LEU B 37 -19.78 -14.69 6.97
C LEU B 37 -19.94 -16.20 6.99
N ASN B 38 -20.11 -16.76 8.21
CA ASN B 38 -20.27 -18.20 8.52
C ASN B 38 -21.39 -18.91 7.73
N VAL B 39 -22.50 -18.18 7.45
CA VAL B 39 -23.66 -18.69 6.73
C VAL B 39 -23.57 -18.46 5.20
N THR B 40 -24.12 -19.40 4.41
CA THR B 40 -24.20 -19.26 2.95
C THR B 40 -25.47 -18.47 2.60
N ALA B 41 -26.40 -18.39 3.60
CA ALA B 41 -27.68 -17.67 3.53
C ALA B 41 -27.71 -16.50 4.53
N PRO B 42 -27.21 -15.31 4.11
CA PRO B 42 -27.20 -14.13 5.01
C PRO B 42 -28.58 -13.48 5.20
N THR B 43 -28.77 -12.86 6.39
CA THR B 43 -30.00 -12.15 6.77
C THR B 43 -30.00 -10.78 6.05
N PRO B 44 -31.12 -10.00 5.97
CA PRO B 44 -31.04 -8.70 5.28
C PRO B 44 -30.16 -7.68 6.01
N GLN B 45 -30.01 -7.86 7.33
CA GLN B 45 -29.18 -7.06 8.24
C GLN B 45 -27.71 -7.29 7.88
N GLN B 46 -27.30 -8.58 7.72
CA GLN B 46 -25.93 -8.95 7.38
C GLN B 46 -25.55 -8.41 6.01
N LEU B 47 -26.43 -8.55 5.02
CA LEU B 47 -26.21 -8.04 3.68
C LEU B 47 -26.02 -6.51 3.71
N GLN B 48 -26.85 -5.80 4.49
CA GLN B 48 -26.77 -4.34 4.63
C GLN B 48 -25.47 -3.91 5.36
N ALA B 49 -25.11 -4.57 6.48
CA ALA B 49 -23.88 -4.26 7.22
C ALA B 49 -22.64 -4.52 6.35
N PHE B 50 -22.72 -5.54 5.43
CA PHE B 50 -21.69 -5.88 4.45
C PHE B 50 -21.56 -4.75 3.43
N LYS B 51 -22.70 -4.33 2.81
CA LYS B 51 -22.75 -3.25 1.82
C LYS B 51 -22.19 -1.96 2.40
N ASN B 52 -22.47 -1.72 3.70
CA ASN B 52 -22.02 -0.53 4.45
C ASN B 52 -20.52 -0.52 4.67
N GLU B 53 -19.97 -1.64 5.16
CA GLU B 53 -18.54 -1.79 5.43
C GLU B 53 -17.69 -1.67 4.14
N VAL B 54 -18.12 -2.35 3.05
CA VAL B 54 -17.47 -2.29 1.73
C VAL B 54 -17.55 -0.84 1.20
N GLY B 55 -18.70 -0.18 1.39
CA GLY B 55 -18.94 1.22 1.03
C GLY B 55 -17.98 2.19 1.70
N VAL B 56 -17.60 1.93 2.96
CA VAL B 56 -16.64 2.74 3.74
C VAL B 56 -15.19 2.48 3.24
N LEU B 57 -14.79 1.21 3.24
CA LEU B 57 -13.46 0.74 2.81
C LEU B 57 -13.09 1.15 1.40
N ARG B 58 -14.05 1.07 0.44
CA ARG B 58 -13.79 1.39 -0.98
C ARG B 58 -13.42 2.87 -1.21
N LYS B 59 -13.69 3.72 -0.22
CA LYS B 59 -13.38 5.16 -0.25
C LYS B 59 -11.97 5.44 0.30
N THR B 60 -11.25 4.42 0.81
CA THR B 60 -9.94 4.61 1.43
C THR B 60 -8.76 4.13 0.56
N ARG B 61 -7.77 5.01 0.36
CA ARG B 61 -6.54 4.78 -0.39
C ARG B 61 -5.46 5.64 0.30
N HIS B 62 -4.92 5.10 1.41
CA HIS B 62 -3.93 5.83 2.20
C HIS B 62 -3.04 4.81 2.88
N VAL B 63 -1.73 5.09 2.97
CA VAL B 63 -0.74 4.18 3.57
C VAL B 63 -1.00 3.86 5.05
N ASN B 64 -1.74 4.72 5.78
CA ASN B 64 -1.98 4.48 7.20
C ASN B 64 -3.34 3.86 7.44
N ILE B 65 -4.01 3.48 6.36
CA ILE B 65 -5.28 2.78 6.40
C ILE B 65 -5.07 1.41 5.81
N LEU B 66 -5.64 0.37 6.45
CA LEU B 66 -5.62 -1.00 5.96
C LEU B 66 -6.09 -1.00 4.51
N LEU B 67 -5.33 -1.65 3.63
CA LEU B 67 -5.68 -1.68 2.22
C LEU B 67 -6.86 -2.61 1.91
N PHE B 68 -7.99 -2.01 1.55
CA PHE B 68 -9.14 -2.77 1.08
C PHE B 68 -8.75 -3.24 -0.33
N MET B 69 -8.95 -4.54 -0.64
CA MET B 69 -8.59 -5.09 -1.95
C MET B 69 -9.79 -5.50 -2.81
N GLY B 70 -10.87 -5.90 -2.17
CA GLY B 70 -12.07 -6.32 -2.87
C GLY B 70 -13.08 -7.07 -2.04
N TYR B 71 -14.14 -7.53 -2.70
CA TYR B 71 -15.20 -8.27 -2.03
C TYR B 71 -15.77 -9.36 -2.91
N SER B 72 -16.43 -10.34 -2.29
CA SER B 72 -17.10 -11.43 -2.97
C SER B 72 -18.44 -11.64 -2.28
N THR B 73 -19.44 -12.12 -3.02
CA THR B 73 -20.78 -12.41 -2.51
C THR B 73 -21.09 -13.90 -2.70
N LYS B 74 -20.31 -14.57 -3.56
CA LYS B 74 -20.45 -15.98 -3.92
C LYS B 74 -19.15 -16.76 -3.59
N PRO B 75 -19.21 -17.84 -2.77
CA PRO B 75 -20.39 -18.47 -2.13
C PRO B 75 -20.82 -17.85 -0.80
N GLN B 76 -19.96 -17.03 -0.19
CA GLN B 76 -20.25 -16.34 1.06
C GLN B 76 -19.87 -14.87 0.87
N LEU B 77 -20.41 -13.99 1.74
CA LEU B 77 -20.06 -12.57 1.75
C LEU B 77 -18.64 -12.43 2.33
N ALA B 78 -17.68 -11.97 1.52
CA ALA B 78 -16.29 -11.84 1.93
C ALA B 78 -15.69 -10.48 1.65
N ILE B 79 -14.87 -9.97 2.58
CA ILE B 79 -14.10 -8.73 2.42
C ILE B 79 -12.64 -9.14 2.45
N VAL B 80 -11.90 -8.74 1.40
CA VAL B 80 -10.48 -9.04 1.23
C VAL B 80 -9.66 -7.77 1.44
N THR B 81 -8.67 -7.88 2.30
CA THR B 81 -7.78 -6.76 2.57
C THR B 81 -6.37 -7.28 2.41
N GLN B 82 -5.37 -6.39 2.47
CA GLN B 82 -3.97 -6.79 2.45
C GLN B 82 -3.69 -7.68 3.70
N TRP B 83 -2.67 -8.53 3.62
CA TRP B 83 -2.23 -9.30 4.75
C TRP B 83 -0.99 -8.55 5.28
N CYS B 84 -0.91 -8.33 6.60
CA CYS B 84 0.22 -7.63 7.24
C CYS B 84 0.96 -8.50 8.24
N GLU B 85 2.26 -8.62 8.06
CA GLU B 85 3.14 -9.26 9.02
C GLU B 85 3.36 -8.17 10.07
N GLY B 86 3.46 -8.58 11.31
CA GLY B 86 3.62 -7.69 12.46
C GLY B 86 2.57 -7.99 13.52
N SER B 87 2.28 -7.01 14.37
CA SER B 87 1.33 -7.09 15.47
C SER B 87 0.67 -5.74 15.64
N SER B 88 -0.47 -5.71 16.34
CA SER B 88 -1.16 -4.46 16.67
C SER B 88 -0.33 -3.67 17.71
N LEU B 89 -0.70 -2.41 17.94
CA LEU B 89 -0.05 -1.56 18.94
C LEU B 89 -0.32 -2.13 20.36
N TYR B 90 -1.53 -2.68 20.59
CA TYR B 90 -1.95 -3.33 21.83
C TYR B 90 -0.99 -4.45 22.19
N HIS B 91 -0.75 -5.36 21.24
CA HIS B 91 0.15 -6.50 21.42
C HIS B 91 1.52 -6.03 21.84
N HIS B 92 2.09 -5.07 21.11
CA HIS B 92 3.38 -4.44 21.37
C HIS B 92 3.47 -3.80 22.72
N LEU B 93 2.51 -2.96 23.09
CA LEU B 93 2.54 -2.28 24.37
C LEU B 93 2.16 -3.12 25.61
N HIS B 94 1.13 -3.95 25.51
CA HIS B 94 0.56 -4.66 26.66
C HIS B 94 0.78 -6.14 26.73
N ILE B 95 1.21 -6.79 25.64
CA ILE B 95 1.43 -8.23 25.68
C ILE B 95 2.91 -8.55 25.68
N ILE B 96 3.62 -8.21 24.59
CA ILE B 96 5.06 -8.50 24.49
C ILE B 96 5.91 -7.35 25.06
N GLU B 97 5.27 -6.25 25.47
CA GLU B 97 5.86 -5.08 26.14
C GLU B 97 7.11 -4.53 25.44
N THR B 98 6.98 -4.25 24.13
CA THR B 98 8.02 -3.64 23.29
C THR B 98 8.34 -2.26 23.86
N LYS B 99 9.63 -2.03 24.11
CA LYS B 99 10.09 -0.74 24.62
C LYS B 99 10.54 0.06 23.40
N PHE B 100 9.63 0.88 22.83
CA PHE B 100 9.98 1.73 21.69
C PHE B 100 10.62 2.99 22.22
N GLU B 101 11.56 3.56 21.46
CA GLU B 101 12.21 4.83 21.77
C GLU B 101 11.15 5.92 21.61
N MET B 102 11.30 7.04 22.34
CA MET B 102 10.42 8.23 22.31
C MET B 102 10.15 8.74 20.89
N ILE B 103 11.16 8.73 20.04
CA ILE B 103 11.06 9.16 18.65
C ILE B 103 10.10 8.24 17.84
N LYS B 104 10.10 6.92 18.13
CA LYS B 104 9.23 5.95 17.48
C LYS B 104 7.80 6.08 17.99
N LEU B 105 7.61 6.31 19.31
CA LEU B 105 6.29 6.51 19.92
C LEU B 105 5.62 7.74 19.30
N ILE B 106 6.39 8.83 19.11
CA ILE B 106 5.90 10.06 18.49
C ILE B 106 5.54 9.79 17.02
N ASP B 107 6.34 8.95 16.30
CA ASP B 107 6.06 8.58 14.92
C ASP B 107 4.79 7.70 14.77
N ILE B 108 4.54 6.79 15.72
CA ILE B 108 3.34 5.95 15.75
C ILE B 108 2.13 6.86 15.94
N ALA B 109 2.27 7.83 16.85
CA ALA B 109 1.24 8.85 17.15
C ALA B 109 0.92 9.69 15.91
N ARG B 110 1.98 10.12 15.19
CA ARG B 110 1.87 10.92 13.98
C ARG B 110 1.17 10.14 12.88
N GLN B 111 1.61 8.88 12.65
CA GLN B 111 1.02 7.99 11.64
C GLN B 111 -0.45 7.67 11.93
N THR B 112 -0.82 7.57 13.22
CA THR B 112 -2.20 7.31 13.61
C THR B 112 -3.03 8.57 13.31
N ALA B 113 -2.53 9.77 13.72
CA ALA B 113 -3.19 11.06 13.45
C ALA B 113 -3.32 11.30 11.91
N GLN B 114 -2.31 10.86 11.13
CA GLN B 114 -2.27 10.91 9.67
C GLN B 114 -3.42 10.10 9.02
N GLY B 115 -3.60 8.84 9.44
CA GLY B 115 -4.69 7.98 9.00
C GLY B 115 -6.06 8.46 9.45
N MET B 116 -6.14 8.99 10.68
CA MET B 116 -7.38 9.51 11.28
C MET B 116 -7.85 10.78 10.60
N ASP B 117 -6.90 11.69 10.28
CA ASP B 117 -7.17 12.92 9.56
C ASP B 117 -7.74 12.60 8.17
N TYR B 118 -7.23 11.52 7.52
CA TYR B 118 -7.67 11.05 6.21
C TYR B 118 -9.11 10.61 6.26
N LEU B 119 -9.43 9.68 7.20
CA LEU B 119 -10.79 9.15 7.43
C LEU B 119 -11.77 10.28 7.70
N HIS B 120 -11.41 11.24 8.57
CA HIS B 120 -12.28 12.38 8.89
C HIS B 120 -12.51 13.27 7.69
N ALA B 121 -11.49 13.46 6.82
CA ALA B 121 -11.64 14.25 5.60
C ALA B 121 -12.62 13.57 4.62
N LYS B 122 -12.71 12.24 4.66
CA LYS B 122 -13.61 11.41 3.85
C LYS B 122 -14.98 11.20 4.56
N SER B 123 -15.20 11.90 5.70
CA SER B 123 -16.40 11.87 6.53
C SER B 123 -16.64 10.47 7.18
N ILE B 124 -15.55 9.75 7.45
CA ILE B 124 -15.59 8.45 8.08
C ILE B 124 -15.25 8.61 9.56
N ILE B 125 -16.23 8.32 10.44
CA ILE B 125 -16.01 8.32 11.88
C ILE B 125 -15.66 6.86 12.18
N HIS B 126 -14.48 6.59 12.77
CA HIS B 126 -14.05 5.23 13.08
C HIS B 126 -15.01 4.51 14.03
N ARG B 127 -15.32 5.16 15.18
CA ARG B 127 -16.22 4.71 16.25
C ARG B 127 -15.60 3.65 17.17
N ASP B 128 -14.43 3.10 16.81
CA ASP B 128 -13.79 2.08 17.65
C ASP B 128 -12.26 2.14 17.56
N LEU B 129 -11.69 3.36 17.63
CA LEU B 129 -10.26 3.53 17.59
C LEU B 129 -9.71 3.14 18.96
N LYS B 130 -8.67 2.31 18.95
CA LYS B 130 -7.96 1.76 20.10
C LYS B 130 -6.69 1.12 19.60
N SER B 131 -5.72 0.85 20.49
CA SER B 131 -4.43 0.27 20.11
C SER B 131 -4.53 -1.07 19.39
N ASN B 132 -5.61 -1.85 19.64
CA ASN B 132 -5.80 -3.13 18.94
C ASN B 132 -6.13 -2.95 17.42
N ASN B 133 -6.71 -1.80 17.07
CA ASN B 133 -7.08 -1.46 15.70
C ASN B 133 -6.03 -0.60 14.97
N ILE B 134 -4.83 -0.53 15.54
CA ILE B 134 -3.68 0.18 14.98
C ILE B 134 -2.66 -0.94 14.76
N PHE B 135 -2.59 -1.44 13.54
CA PHE B 135 -1.68 -2.52 13.25
C PHE B 135 -0.30 -1.96 12.89
N LEU B 136 0.76 -2.54 13.44
CA LEU B 136 2.11 -2.11 13.10
C LEU B 136 2.68 -3.07 12.06
N HIS B 137 2.43 -2.74 10.78
CA HIS B 137 2.86 -3.50 9.63
C HIS B 137 4.39 -3.51 9.64
N GLU B 138 4.99 -4.73 9.69
CA GLU B 138 6.43 -5.00 9.79
C GLU B 138 7.01 -4.29 11.02
N ASP B 139 6.14 -4.08 12.02
CA ASP B 139 6.39 -3.38 13.30
C ASP B 139 6.86 -1.93 13.11
N LEU B 140 6.54 -1.33 11.93
CA LEU B 140 6.99 0.03 11.60
C LEU B 140 5.90 0.97 11.10
N THR B 141 5.02 0.50 10.21
CA THR B 141 3.98 1.32 9.59
C THR B 141 2.61 1.07 10.22
N VAL B 142 1.95 2.16 10.64
CA VAL B 142 0.61 2.13 11.19
C VAL B 142 -0.37 1.83 10.05
N LYS B 143 -1.23 0.85 10.24
CA LYS B 143 -2.34 0.48 9.35
C LYS B 143 -3.57 0.46 10.24
N ILE B 144 -4.38 1.52 10.18
CA ILE B 144 -5.63 1.60 10.92
C ILE B 144 -6.67 0.71 10.21
N GLY B 145 -7.40 -0.05 11.00
CA GLY B 145 -8.51 -0.86 10.51
C GLY B 145 -9.49 -1.09 11.62
N ASP B 146 -10.29 -2.14 11.49
CA ASP B 146 -11.21 -2.60 12.51
C ASP B 146 -11.12 -4.09 12.45
N PHE B 147 -10.44 -4.66 13.43
CA PHE B 147 -10.15 -6.07 13.52
C PHE B 147 -11.12 -6.80 14.44
N GLY B 148 -12.16 -6.08 14.87
CA GLY B 148 -13.20 -6.62 15.75
C GLY B 148 -14.15 -7.57 15.04
N LEU B 149 -14.65 -8.61 15.77
CA LEU B 149 -15.56 -9.60 15.19
C LEU B 149 -16.91 -9.76 15.98
N ALA B 150 -17.28 -8.73 16.76
CA ALA B 150 -18.54 -8.69 17.50
C ALA B 150 -19.65 -8.08 16.63
N SER B 166 -20.72 -3.09 23.41
CA SER B 166 -20.41 -4.24 24.24
C SER B 166 -18.89 -4.53 24.25
N GLY B 167 -18.12 -3.59 24.77
CA GLY B 167 -16.67 -3.71 24.90
C GLY B 167 -15.91 -2.45 24.53
N SER B 168 -14.56 -2.49 24.66
CA SER B 168 -13.62 -1.39 24.34
C SER B 168 -13.99 -0.06 25.03
N ILE B 169 -14.39 -0.16 26.30
CA ILE B 169 -14.87 0.97 27.11
C ILE B 169 -13.75 1.94 27.54
N LEU B 170 -12.47 1.47 27.55
CA LEU B 170 -11.31 2.29 27.93
C LEU B 170 -11.07 3.46 26.97
N TRP B 171 -11.47 3.31 25.70
CA TRP B 171 -11.27 4.33 24.67
C TRP B 171 -12.52 5.18 24.42
N MET B 172 -13.61 4.90 25.18
CA MET B 172 -14.89 5.61 25.08
C MET B 172 -14.94 6.97 25.76
N ALA B 173 -15.30 7.99 24.94
CA ALA B 173 -15.46 9.39 25.31
C ALA B 173 -16.63 9.49 26.29
N PRO B 174 -16.55 10.32 27.36
CA PRO B 174 -17.64 10.36 28.35
C PRO B 174 -19.06 10.42 27.78
N GLU B 175 -19.29 11.17 26.71
CA GLU B 175 -20.61 11.29 26.08
C GLU B 175 -21.05 10.01 25.32
N VAL B 176 -20.08 9.17 24.89
CA VAL B 176 -20.38 7.90 24.22
C VAL B 176 -20.80 6.91 25.32
N ILE B 177 -20.07 6.93 26.46
CA ILE B 177 -20.36 6.12 27.63
C ILE B 177 -21.77 6.41 28.20
N ARG B 178 -22.15 7.70 28.30
CA ARG B 178 -23.45 8.15 28.85
C ARG B 178 -24.69 7.78 28.00
N MET B 179 -24.92 8.48 26.84
CA MET B 179 -26.03 8.35 25.86
C MET B 179 -27.11 9.41 26.03
N LYS B 182 -29.06 9.80 21.39
CA LYS B 182 -29.17 8.70 20.43
C LYS B 182 -27.83 8.42 19.72
N ASN B 183 -27.25 9.43 19.02
CA ASN B 183 -25.94 9.24 18.39
C ASN B 183 -24.85 10.13 19.03
N PRO B 184 -24.04 9.53 19.94
CA PRO B 184 -22.98 10.30 20.59
C PRO B 184 -21.62 10.30 19.84
N TYR B 185 -21.56 9.62 18.67
CA TYR B 185 -20.37 9.51 17.83
C TYR B 185 -20.14 10.71 16.97
N SER B 186 -18.92 11.24 17.06
CA SER B 186 -18.48 12.44 16.35
C SER B 186 -16.97 12.33 16.03
N PHE B 187 -16.40 13.33 15.37
CA PHE B 187 -14.98 13.39 15.11
C PHE B 187 -14.24 13.51 16.44
N GLN B 188 -14.85 14.28 17.38
CA GLN B 188 -14.37 14.53 18.74
C GLN B 188 -14.35 13.29 19.63
N SER B 189 -15.29 12.33 19.43
CA SER B 189 -15.26 11.10 20.21
C SER B 189 -14.08 10.21 19.71
N ASP B 190 -13.70 10.35 18.42
CA ASP B 190 -12.56 9.63 17.81
C ASP B 190 -11.26 10.21 18.36
N VAL B 191 -11.23 11.55 18.56
CA VAL B 191 -10.12 12.29 19.15
C VAL B 191 -9.87 11.82 20.61
N TYR B 192 -10.95 11.68 21.44
CA TYR B 192 -10.81 11.16 22.80
C TYR B 192 -10.12 9.79 22.79
N ALA B 193 -10.60 8.85 21.94
CA ALA B 193 -10.01 7.52 21.75
C ALA B 193 -8.53 7.62 21.35
N PHE B 194 -8.19 8.62 20.51
CA PHE B 194 -6.81 8.88 20.11
C PHE B 194 -5.97 9.39 21.32
N GLY B 195 -6.60 10.18 22.19
CA GLY B 195 -5.99 10.68 23.41
C GLY B 195 -5.63 9.55 24.35
N ILE B 196 -6.49 8.50 24.41
CA ILE B 196 -6.24 7.27 25.17
C ILE B 196 -5.06 6.52 24.56
N VAL B 197 -4.97 6.46 23.21
CA VAL B 197 -3.87 5.81 22.48
C VAL B 197 -2.55 6.55 22.80
N LEU B 198 -2.61 7.90 22.93
CA LEU B 198 -1.47 8.74 23.31
C LEU B 198 -1.03 8.40 24.73
N TYR B 199 -2.00 8.19 25.62
CA TYR B 199 -1.75 7.78 27.00
C TYR B 199 -1.02 6.42 26.99
N GLU B 200 -1.52 5.44 26.24
CA GLU B 200 -0.88 4.12 26.13
C GLU B 200 0.54 4.23 25.63
N LEU B 201 0.77 5.05 24.60
CA LEU B 201 2.12 5.23 24.03
C LEU B 201 3.10 5.82 25.04
N MET B 202 2.69 6.92 25.70
CA MET B 202 3.49 7.70 26.63
C MET B 202 3.59 7.12 28.04
N THR B 203 2.69 6.22 28.45
CA THR B 203 2.78 5.54 29.75
C THR B 203 3.22 4.08 29.60
N GLY B 204 2.83 3.45 28.48
CA GLY B 204 3.07 2.04 28.19
C GLY B 204 2.02 1.19 28.87
N GLN B 205 0.98 1.83 29.38
CA GLN B 205 -0.07 1.16 30.13
C GLN B 205 -1.45 1.50 29.62
N LEU B 206 -2.43 0.71 30.07
CA LEU B 206 -3.83 0.96 29.79
C LEU B 206 -4.31 1.86 30.92
N PRO B 207 -5.26 2.81 30.67
CA PRO B 207 -5.79 3.60 31.77
C PRO B 207 -6.58 2.73 32.73
N TYR B 208 -6.68 3.18 34.02
CA TYR B 208 -7.47 2.56 35.10
C TYR B 208 -7.08 1.09 35.39
N SER B 209 -5.77 0.79 35.34
CA SER B 209 -5.17 -0.53 35.61
C SER B 209 -5.34 -0.99 37.08
N ASN B 210 -5.60 -0.04 38.00
CA ASN B 210 -5.81 -0.31 39.43
C ASN B 210 -7.29 -0.45 39.80
N ILE B 211 -8.19 -0.38 38.80
CA ILE B 211 -9.64 -0.59 38.98
C ILE B 211 -9.96 -1.92 38.28
N ASN B 212 -10.48 -2.90 39.03
CA ASN B 212 -10.80 -4.22 38.48
C ASN B 212 -12.28 -4.38 38.09
N ASN B 213 -13.09 -3.30 38.27
CA ASN B 213 -14.52 -3.30 38.01
C ASN B 213 -14.92 -2.43 36.81
N ARG B 214 -15.33 -3.11 35.71
CA ARG B 214 -15.75 -2.51 34.43
C ARG B 214 -16.97 -1.58 34.57
N ASP B 215 -18.00 -1.98 35.33
CA ASP B 215 -19.18 -1.13 35.53
C ASP B 215 -18.82 0.15 36.27
N GLN B 216 -17.83 0.07 37.16
CA GLN B 216 -17.38 1.25 37.89
C GLN B 216 -16.65 2.22 36.97
N ILE B 217 -15.82 1.69 36.05
CA ILE B 217 -15.11 2.50 35.06
C ILE B 217 -16.15 3.20 34.18
N ILE B 218 -17.16 2.45 33.68
CA ILE B 218 -18.24 2.96 32.83
C ILE B 218 -18.98 4.10 33.55
N PHE B 219 -19.47 3.84 34.75
CA PHE B 219 -20.17 4.85 35.53
C PHE B 219 -19.34 6.12 35.78
N MET B 220 -18.10 5.95 36.27
CA MET B 220 -17.23 7.03 36.68
C MET B 220 -16.65 7.90 35.58
N VAL B 221 -16.25 7.31 34.43
CA VAL B 221 -15.73 8.05 33.28
C VAL B 221 -16.88 8.92 32.74
N GLY B 222 -18.07 8.30 32.61
CA GLY B 222 -19.30 8.95 32.15
C GLY B 222 -19.72 10.12 32.99
N ARG B 223 -19.55 10.01 34.34
CA ARG B 223 -19.89 11.06 35.29
C ARG B 223 -18.78 12.11 35.51
N GLY B 224 -17.61 11.86 34.95
CA GLY B 224 -16.44 12.73 35.05
C GLY B 224 -15.71 12.62 36.37
N TYR B 225 -15.94 11.52 37.10
CA TYR B 225 -15.32 11.25 38.41
C TYR B 225 -13.95 10.63 38.22
N LEU B 226 -13.72 10.03 37.07
CA LEU B 226 -12.50 9.31 36.74
C LEU B 226 -12.04 9.74 35.38
N SER B 227 -10.73 9.97 35.27
CA SER B 227 -10.05 10.36 34.05
C SER B 227 -8.62 9.74 34.09
N PRO B 228 -7.95 9.52 32.93
CA PRO B 228 -6.60 8.93 32.98
C PRO B 228 -5.62 9.75 33.82
N ASP B 229 -4.74 9.06 34.56
CA ASP B 229 -3.73 9.68 35.40
C ASP B 229 -2.58 10.14 34.52
N LEU B 230 -2.60 11.42 34.13
CA LEU B 230 -1.58 11.94 33.22
C LEU B 230 -0.18 12.09 33.84
N SER B 231 -0.06 11.92 35.16
CA SER B 231 1.25 11.99 35.84
C SER B 231 2.09 10.72 35.61
N LYS B 232 1.49 9.70 34.97
CA LYS B 232 2.11 8.42 34.67
C LYS B 232 2.95 8.42 33.38
N VAL B 233 2.90 9.53 32.62
CA VAL B 233 3.66 9.66 31.37
C VAL B 233 5.19 9.57 31.64
N ARG B 234 5.93 8.95 30.72
CA ARG B 234 7.39 8.79 30.79
C ARG B 234 8.09 10.17 31.03
N SER B 235 9.29 10.18 31.65
CA SER B 235 10.05 11.43 31.87
C SER B 235 10.47 12.11 30.55
N ASN B 236 10.78 11.32 29.52
CA ASN B 236 11.19 11.82 28.21
C ASN B 236 10.01 12.23 27.30
N CYS B 237 8.76 12.16 27.82
CA CYS B 237 7.58 12.58 27.06
C CYS B 237 7.59 14.12 26.97
N PRO B 238 7.65 14.72 25.75
CA PRO B 238 7.70 16.19 25.65
C PRO B 238 6.47 16.88 26.24
N LYS B 239 6.66 18.06 26.90
CA LYS B 239 5.57 18.81 27.53
C LYS B 239 4.41 19.09 26.57
N ALA B 240 4.73 19.32 25.28
CA ALA B 240 3.76 19.56 24.21
C ALA B 240 2.89 18.32 23.95
N MET B 241 3.47 17.11 24.11
CA MET B 241 2.77 15.85 23.93
C MET B 241 1.79 15.61 25.08
N LYS B 242 2.21 15.90 26.33
CA LYS B 242 1.37 15.81 27.51
C LYS B 242 0.20 16.84 27.42
N ARG B 243 0.50 18.06 26.89
CA ARG B 243 -0.49 19.12 26.67
C ARG B 243 -1.51 18.68 25.61
N LEU B 244 -1.03 18.05 24.51
CA LEU B 244 -1.87 17.55 23.42
C LEU B 244 -2.80 16.44 23.92
N MET B 245 -2.24 15.48 24.67
CA MET B 245 -2.96 14.38 25.29
C MET B 245 -4.10 14.90 26.19
N ALA B 246 -3.84 15.92 27.03
CA ALA B 246 -4.85 16.52 27.91
C ALA B 246 -5.96 17.18 27.11
N GLU B 247 -5.60 17.83 25.97
CA GLU B 247 -6.54 18.49 25.04
C GLU B 247 -7.49 17.45 24.40
N CYS B 248 -6.92 16.31 23.91
CA CYS B 248 -7.69 15.22 23.29
C CYS B 248 -8.64 14.55 24.27
N LEU B 249 -8.27 14.48 25.56
CA LEU B 249 -9.04 13.83 26.61
C LEU B 249 -10.04 14.71 27.34
N LYS B 250 -10.27 15.96 26.88
CA LYS B 250 -11.23 16.89 27.47
C LYS B 250 -12.62 16.25 27.58
N LYS B 251 -13.29 16.36 28.75
CA LYS B 251 -14.59 15.72 29.00
C LYS B 251 -15.68 16.33 28.14
N LYS B 252 -15.60 17.66 27.90
CA LYS B 252 -16.51 18.41 27.02
C LYS B 252 -15.96 18.18 25.60
N ARG B 253 -16.74 17.52 24.73
CA ARG B 253 -16.30 17.16 23.40
C ARG B 253 -15.89 18.34 22.50
N ASP B 254 -16.55 19.49 22.64
CA ASP B 254 -16.28 20.66 21.81
C ASP B 254 -14.95 21.36 22.14
N GLU B 255 -14.38 21.04 23.32
CA GLU B 255 -13.09 21.54 23.81
C GLU B 255 -11.90 20.76 23.19
N ARG B 256 -12.18 19.62 22.55
CA ARG B 256 -11.18 18.74 21.96
C ARG B 256 -10.71 19.25 20.58
N PRO B 257 -9.40 19.15 20.26
CA PRO B 257 -8.94 19.58 18.92
C PRO B 257 -9.27 18.55 17.85
N LEU B 258 -9.45 18.96 16.60
CA LEU B 258 -9.68 17.98 15.52
C LEU B 258 -8.32 17.54 14.97
N PHE B 259 -8.32 16.51 14.12
CA PHE B 259 -7.09 15.89 13.59
C PHE B 259 -6.20 16.82 12.75
N PRO B 260 -6.64 17.82 11.93
CA PRO B 260 -5.64 18.71 11.30
C PRO B 260 -4.79 19.48 12.34
N GLN B 261 -5.42 19.91 13.46
CA GLN B 261 -4.73 20.60 14.56
C GLN B 261 -3.80 19.64 15.32
N ILE B 262 -4.29 18.42 15.69
CA ILE B 262 -3.55 17.36 16.39
C ILE B 262 -2.27 17.03 15.61
N LEU B 263 -2.43 16.77 14.30
CA LEU B 263 -1.38 16.43 13.34
C LEU B 263 -0.29 17.51 13.25
N ALA B 264 -0.68 18.79 13.24
CA ALA B 264 0.22 19.94 13.22
C ALA B 264 1.01 20.04 14.53
N SER B 265 0.36 19.72 15.66
CA SER B 265 0.96 19.74 16.97
C SER B 265 2.01 18.64 17.13
N ILE B 266 1.74 17.41 16.60
CA ILE B 266 2.67 16.27 16.64
C ILE B 266 3.87 16.53 15.75
N GLU B 267 3.62 17.07 14.54
CA GLU B 267 4.67 17.42 13.55
C GLU B 267 5.60 18.53 14.09
N LEU B 268 5.04 19.45 14.89
CA LEU B 268 5.80 20.54 15.51
C LEU B 268 6.73 20.05 16.63
N LEU B 269 6.22 19.20 17.57
CA LEU B 269 7.06 18.70 18.67
C LEU B 269 8.09 17.65 18.18
N ALA B 270 7.79 16.91 17.08
CA ALA B 270 8.72 15.94 16.47
C ALA B 270 9.95 16.65 15.90
N ARG B 271 9.76 17.88 15.37
CA ARG B 271 10.84 18.71 14.83
C ARG B 271 11.74 19.23 15.95
N SER B 272 11.14 19.51 17.12
CA SER B 272 11.78 20.11 18.28
C SER B 272 12.44 19.11 19.27
N LEU B 273 12.58 17.81 18.88
CA LEU B 273 13.22 16.79 19.73
C LEU B 273 14.74 16.97 19.72
C1 K81 C . 6.83 8.21 -8.30
C3 K81 C . 7.58 8.95 -10.39
C11 K81 C . 1.21 8.40 -11.64
C12 K81 C . 1.57 9.41 -10.73
C13 K81 C . 2.85 9.48 -10.18
C14 K81 C . 3.13 10.51 -9.13
C16 K81 C . 6.08 7.18 -6.11
C17 K81 C . 6.79 6.45 -4.97
C19 K81 C . 8.81 7.69 -5.20
C20 K81 C . 8.20 8.64 -6.27
C21 K81 C . 2.05 5.07 -12.71
C22 K81 C . 1.43 4.16 -13.69
C24 K81 C . 1.01 4.62 -14.95
C25 K81 C . 0.47 3.66 -15.83
C27 K81 C . 0.77 1.96 -14.25
C28 K81 C . 1.29 2.82 -13.32
C29 K81 C . 0.79 0.45 -13.99
N2 K81 C . 7.88 8.60 -9.11
C4 K81 C . 6.29 8.94 -10.94
C5 K81 C . 5.24 8.53 -10.09
C6 K81 C . 5.48 8.16 -8.75
N7 K81 C . 7.14 7.82 -6.98
C8 K81 C . 3.85 8.51 -10.58
C9 K81 C . 3.54 7.51 -11.51
C10 K81 C . 2.18 7.45 -12.01
N15 K81 C . 1.74 6.39 -12.83
O18 K81 C . 7.74 7.31 -4.35
O23 K81 C . 2.81 4.66 -11.85
N26 K81 C . 0.33 2.34 -15.50
F30 K81 C . 1.38 -0.18 -15.02
O31 K81 C . 8.64 9.34 -11.21
C32 K81 C . 9.84 9.76 -10.58
F33 K81 C . 1.50 0.08 -12.89
C34 K81 C . 10.66 10.33 -11.77
O35 K81 C . 10.95 9.28 -12.65
F36 K81 C . -0.40 -0.14 -13.80
C1 K81 D . -7.15 -8.21 9.49
C3 K81 D . -8.86 -8.88 10.99
C11 K81 D . -12.44 -5.94 6.54
C12 K81 D . -11.86 -7.13 6.16
C13 K81 D . -10.84 -7.72 6.91
C14 K81 D . -10.10 -8.90 6.33
C16 K81 D . -5.26 -7.48 7.93
C17 K81 D . -3.76 -7.15 8.17
C19 K81 D . -3.47 -9.00 9.66
C20 K81 D . -4.95 -9.43 9.52
C21 K81 D . -11.99 -2.93 8.52
C22 K81 D . -12.81 -1.71 8.72
C24 K81 D . -14.21 -1.77 8.76
C25 K81 D . -14.94 -0.54 8.84
C27 K81 D . -12.91 0.67 8.88
C28 K81 D . -12.12 -0.48 8.79
C29 K81 D . -12.23 2.03 9.03
N2 K81 D . -7.55 -8.86 10.65
C4 K81 D . -9.85 -8.28 10.22
C5 K81 D . -9.44 -7.64 9.04
C6 K81 D . -8.08 -7.57 8.65
N7 K81 D . -5.74 -8.19 9.15
C8 K81 D . -10.45 -7.09 8.12
C9 K81 D . -11.03 -5.88 8.51
C10 K81 D . -12.03 -5.31 7.70
N15 K81 D . -12.64 -4.07 8.02
O18 K81 D . -3.05 -8.35 8.47
O23 K81 D . -10.79 -2.91 8.78
N26 K81 D . -14.31 0.67 8.90
F30 K81 D . -12.87 2.84 9.92
O31 K81 D . -9.23 -9.58 12.12
C32 K81 D . -8.21 -10.39 12.71
F33 K81 D . -10.99 1.91 9.46
C34 K81 D . -8.91 -11.12 13.87
O35 K81 D . -9.30 -10.17 14.81
F36 K81 D . -12.10 2.69 7.87
#